data_4ATY
#
_entry.id   4ATY
#
_cell.length_a   44.620
_cell.length_b   76.190
_cell.length_c   197.480
_cell.angle_alpha   90.00
_cell.angle_beta   90.00
_cell.angle_gamma   90.00
#
_symmetry.space_group_name_H-M   'C 2 2 21'
#
loop_
_entity.id
_entity.type
_entity.pdbx_description
1 polymer 'TEREPHTHALATE 1,2-CIS-DIHYDRODIOL DEHYDROGENASE'
2 non-polymer 'ZINC ION'
3 non-polymer BETA-MERCAPTOETHANOL
4 water water
#
_entity_poly.entity_id   1
_entity_poly.type   'polypeptide(L)'
_entity_poly.pdbx_seq_one_letter_code
;MSRTRDRAMTVALAIGDPNGIGPEIAVKAAAQMARDERSEHGGHAVHSQPRIVLFGDAFVIRRYARQCCPELMLRLVQLD
DLPSAEPNAIDMVDVASLPAEAFVPGEVAAAAGTATLAYVSAALRAARAGQVDAVIACPHSETAINASGVRFAGYPGFVA
HEMGMPAEDVYLLLIGGGLRIVHATLHEGIASALARLDQRHVERAARAAVQALQLMGIAHPVVGLMGINPHAGEGGLFGR
DDIDITEPVARKLRDDGMTVIGPQGADLLLTNPDIDVFVAMYHDQGHIPVKLRAGRHSAALSIGAGVLFSSVGHGSGFDI
AGTLLADPAPLLGAIRLVTTGTVLAPLAE
;
_entity_poly.pdbx_strand_id   A
#
# COMPACT_ATOMS: atom_id res chain seq x y z
N ARG A 7 7.53 13.08 -13.23
CA ARG A 7 6.15 13.54 -12.91
C ARG A 7 6.01 13.67 -11.39
N ALA A 8 4.79 13.88 -10.90
CA ALA A 8 4.56 13.84 -9.46
C ALA A 8 3.30 13.04 -9.17
N MET A 9 3.41 12.11 -8.22
CA MET A 9 2.21 11.47 -7.73
C MET A 9 1.51 12.42 -6.76
N THR A 10 0.18 12.28 -6.64
CA THR A 10 -0.46 12.86 -5.48
C THR A 10 -0.90 11.84 -4.48
N VAL A 11 -0.48 12.08 -3.25
CA VAL A 11 -0.64 11.15 -2.16
C VAL A 11 -1.54 11.71 -1.07
N ALA A 12 -2.65 10.99 -0.81
CA ALA A 12 -3.54 11.27 0.28
C ALA A 12 -3.01 10.64 1.56
N LEU A 13 -2.92 11.44 2.61
CA LEU A 13 -2.66 10.97 3.94
C LEU A 13 -3.95 11.03 4.75
N ALA A 14 -4.54 9.91 5.03
CA ALA A 14 -5.67 9.85 5.92
C ALA A 14 -5.12 9.87 7.33
N ILE A 15 -5.49 10.87 8.12
CA ILE A 15 -4.77 11.22 9.32
C ILE A 15 -4.85 10.24 10.49
N GLY A 16 -5.67 9.24 10.36
CA GLY A 16 -5.75 8.26 11.41
C GLY A 16 -6.57 8.71 12.57
N ASP A 17 -6.29 8.20 13.74
CA ASP A 17 -7.19 8.47 14.82
C ASP A 17 -6.97 9.93 15.18
N PRO A 18 -8.03 10.72 15.19
CA PRO A 18 -7.89 12.13 15.46
C PRO A 18 -7.30 12.42 16.83
N ASN A 19 -7.66 11.62 17.81
CA ASN A 19 -7.08 11.73 19.17
C ASN A 19 -5.66 11.16 19.34
N GLY A 20 -5.15 10.52 18.29
CA GLY A 20 -3.81 9.97 18.32
C GLY A 20 -2.73 10.82 17.75
N ILE A 21 -1.63 10.18 17.39
CA ILE A 21 -0.49 10.82 16.81
C ILE A 21 -0.60 11.03 15.29
N GLY A 22 -1.57 10.43 14.66
CA GLY A 22 -1.63 10.56 13.22
C GLY A 22 -1.61 11.97 12.64
N PRO A 23 -2.55 12.77 13.08
CA PRO A 23 -2.69 14.15 12.61
C PRO A 23 -1.39 14.91 12.81
N GLU A 24 -0.72 14.65 13.92
CA GLU A 24 0.55 15.33 14.18
C GLU A 24 1.61 14.97 13.12
N ILE A 25 1.85 13.68 12.95
CA ILE A 25 2.83 13.28 11.94
C ILE A 25 2.38 13.57 10.51
N ALA A 26 1.06 13.54 10.26
CA ALA A 26 0.57 13.90 8.94
C ALA A 26 0.95 15.37 8.61
N VAL A 27 0.65 16.28 9.53
CA VAL A 27 1.07 17.68 9.34
C VAL A 27 2.59 17.83 9.31
N LYS A 28 3.28 17.12 10.20
CA LYS A 28 4.74 17.16 10.22
C LYS A 28 5.35 16.69 8.88
N ALA A 29 4.83 15.57 8.35
CA ALA A 29 5.28 15.05 7.05
C ALA A 29 5.02 16.07 5.95
N ALA A 30 3.79 16.56 5.92
CA ALA A 30 3.41 17.55 4.91
C ALA A 30 4.23 18.86 4.98
N ALA A 31 4.59 19.29 6.19
CA ALA A 31 5.38 20.51 6.38
C ALA A 31 6.77 20.36 5.75
N GLN A 32 7.43 19.25 6.05
CA GLN A 32 8.61 18.79 5.37
C GLN A 32 8.22 18.40 3.96
N MET A 33 8.38 19.25 2.96
CA MET A 33 7.83 18.97 1.64
C MET A 33 6.94 20.09 1.18
N GLN A 49 8.87 13.20 -6.01
CA GLN A 49 8.61 14.57 -5.51
C GLN A 49 7.09 14.94 -5.34
N PRO A 50 6.32 14.19 -4.50
CA PRO A 50 4.84 14.14 -4.68
C PRO A 50 3.95 15.33 -4.27
N ILE A 52 1.24 16.17 -1.73
CA ILE A 52 0.66 15.66 -0.46
C ILE A 52 -0.67 16.36 -0.11
N VAL A 53 -1.73 15.58 0.17
CA VAL A 53 -3.05 16.11 0.48
C VAL A 53 -3.59 15.36 1.72
N LEU A 54 -3.85 16.09 2.79
CA LEU A 54 -4.32 15.45 4.02
C LEU A 54 -5.81 15.28 4.00
N PHE A 55 -6.29 14.18 4.55
CA PHE A 55 -7.70 13.91 4.60
C PHE A 55 -8.06 13.74 6.07
N GLY A 56 -8.95 14.58 6.57
CA GLY A 56 -9.27 14.51 7.99
C GLY A 56 -10.20 15.66 8.37
N ASP A 57 -10.65 15.69 9.64
CA ASP A 57 -11.41 16.87 10.16
C ASP A 57 -10.50 18.05 10.14
N ALA A 58 -10.90 19.12 9.42
CA ALA A 58 -10.01 20.30 9.34
C ALA A 58 -9.64 20.84 10.69
N PHE A 59 -10.56 20.76 11.65
CA PHE A 59 -10.32 21.37 12.96
C PHE A 59 -9.25 20.62 13.72
N VAL A 60 -9.20 19.32 13.44
CA VAL A 60 -8.20 18.42 14.03
C VAL A 60 -6.83 18.75 13.47
N ILE A 61 -6.72 18.86 12.16
CA ILE A 61 -5.48 19.20 11.47
C ILE A 61 -4.96 20.60 11.84
N ARG A 62 -5.88 21.59 11.84
CA ARG A 62 -5.53 22.95 12.26
C ARG A 62 -4.91 23.05 13.65
N ARG A 63 -5.39 22.23 14.60
CA ARG A 63 -4.84 22.23 15.96
C ARG A 63 -3.35 21.99 15.87
N TYR A 64 -2.96 21.02 15.05
CA TYR A 64 -1.56 20.66 14.89
C TYR A 64 -0.73 21.58 14.02
N ALA A 65 -1.30 22.08 12.95
CA ALA A 65 -0.60 23.04 12.09
C ALA A 65 -0.19 24.35 12.78
N ARG A 66 -1.11 24.98 13.48
CA ARG A 66 -0.79 26.23 14.14
C ARG A 66 0.44 26.11 15.06
N GLN A 67 0.46 25.03 15.80
CA GLN A 67 1.50 24.52 16.72
C GLN A 67 2.89 24.46 16.11
N CYS A 68 3.00 24.08 14.82
CA CYS A 68 4.31 24.10 14.17
C CYS A 68 4.49 24.90 12.87
N CYS A 69 3.45 25.61 12.42
CA CYS A 69 3.55 26.39 11.16
C CYS A 69 3.11 27.84 11.25
N LEU A 72 2.54 27.72 7.87
CA LEU A 72 2.31 27.87 6.43
C LEU A 72 0.81 27.99 6.21
N MET A 73 0.42 28.25 4.97
CA MET A 73 -0.99 28.25 4.59
C MET A 73 -1.60 26.87 4.86
N LEU A 74 -2.89 26.74 4.96
CA LEU A 74 -3.51 25.46 4.89
C LEU A 74 -4.69 25.79 4.07
N ARG A 75 -4.92 25.07 3.01
CA ARG A 75 -5.98 25.42 2.16
C ARG A 75 -6.82 24.24 2.16
N LEU A 76 -8.11 24.47 2.29
CA LEU A 76 -9.09 23.47 2.08
C LEU A 76 -9.17 23.34 0.61
N VAL A 77 -9.16 22.13 0.09
CA VAL A 77 -9.32 21.98 -1.30
C VAL A 77 -10.31 20.92 -1.56
N PRO A 83 -10.71 18.69 -7.39
CA PRO A 83 -9.84 19.53 -8.19
C PRO A 83 -8.55 19.83 -7.53
N SER A 84 -7.78 20.76 -8.06
CA SER A 84 -6.40 20.83 -7.70
C SER A 84 -5.79 22.19 -7.57
N ALA A 85 -4.49 22.22 -7.62
CA ALA A 85 -3.79 23.50 -7.56
C ALA A 85 -2.55 23.51 -6.65
N ILE A 90 0.44 23.61 2.93
CA ILE A 90 -0.23 22.38 3.23
C ILE A 90 -1.63 22.34 2.68
N ASP A 91 -1.95 21.28 1.96
CA ASP A 91 -3.28 21.14 1.36
C ASP A 91 -4.07 20.06 2.09
N MET A 92 -5.37 20.31 2.34
CA MET A 92 -6.19 19.33 3.03
C MET A 92 -7.59 19.30 2.50
N VAL A 93 -8.20 18.13 2.53
CA VAL A 93 -9.59 17.95 2.24
C VAL A 93 -10.31 17.67 3.57
N ASP A 94 -11.32 18.50 3.88
CA ASP A 94 -12.05 18.39 5.12
C ASP A 94 -12.98 17.23 4.97
N VAL A 95 -12.87 16.27 5.89
CA VAL A 95 -13.75 15.12 5.91
C VAL A 95 -14.40 15.24 7.27
N ALA A 96 -15.68 15.59 7.28
CA ALA A 96 -16.33 15.97 8.54
C ALA A 96 -16.85 14.73 9.23
N SER A 97 -16.28 14.40 10.38
CA SER A 97 -16.73 13.23 11.15
C SER A 97 -16.81 13.48 12.65
N LEU A 98 -15.67 13.81 13.26
CA LEU A 98 -15.52 13.92 14.70
C LEU A 98 -16.30 15.11 15.26
N PRO A 99 -17.25 14.86 16.19
CA PRO A 99 -17.75 15.95 17.04
C PRO A 99 -16.60 16.65 17.78
N ALA A 100 -16.57 17.98 17.73
CA ALA A 100 -15.52 18.78 18.38
C ALA A 100 -15.35 18.40 19.84
N GLU A 101 -16.47 18.15 20.48
CA GLU A 101 -16.59 17.70 21.84
C GLU A 101 -15.73 16.46 22.10
N ALA A 102 -15.62 15.64 21.06
CA ALA A 102 -14.84 14.42 21.13
C ALA A 102 -13.35 14.59 20.92
N PHE A 103 -12.93 15.71 20.37
CA PHE A 103 -11.51 15.89 20.15
C PHE A 103 -10.76 16.13 21.41
N VAL A 104 -10.25 15.08 21.99
CA VAL A 104 -9.27 15.26 23.03
C VAL A 104 -8.10 14.32 22.82
N PRO A 105 -6.92 14.86 22.61
CA PRO A 105 -5.72 14.06 22.58
C PRO A 105 -5.23 13.74 23.99
N GLY A 106 -5.07 12.48 24.32
CA GLY A 106 -5.50 11.41 23.47
C GLY A 106 -6.12 10.39 24.35
N GLU A 107 -7.40 10.25 24.23
CA GLU A 107 -8.17 9.08 24.66
C GLU A 107 -8.82 8.72 23.36
N VAL A 108 -9.64 7.68 23.30
CA VAL A 108 -10.50 7.60 22.12
C VAL A 108 -11.89 7.21 22.49
N ALA A 109 -12.77 7.38 21.49
CA ALA A 109 -14.18 7.18 21.62
C ALA A 109 -14.69 6.49 20.36
N ALA A 110 -15.90 5.93 20.41
CA ALA A 110 -16.54 5.42 19.20
C ALA A 110 -16.31 6.40 18.03
N ALA A 111 -16.70 7.67 18.22
CA ALA A 111 -16.59 8.73 17.21
C ALA A 111 -15.22 8.93 16.56
N ALA A 112 -14.14 8.83 17.34
CA ALA A 112 -12.80 9.00 16.78
C ALA A 112 -12.30 7.75 16.03
N GLY A 113 -12.81 6.58 16.43
CA GLY A 113 -12.61 5.35 15.67
C GLY A 113 -13.42 5.37 14.39
N THR A 114 -14.69 5.74 14.48
CA THR A 114 -15.45 5.93 13.23
C THR A 114 -14.84 7.02 12.30
N ALA A 115 -14.16 8.01 12.87
CA ALA A 115 -13.58 9.08 12.05
C ALA A 115 -12.38 8.57 11.23
N THR A 116 -11.53 7.80 11.87
CA THR A 116 -10.33 7.25 11.24
C THR A 116 -10.71 6.59 9.93
N LEU A 117 -11.79 5.80 9.93
CA LEU A 117 -12.22 5.08 8.76
C LEU A 117 -12.97 5.94 7.75
N ALA A 118 -13.59 7.03 8.24
CA ALA A 118 -14.22 8.00 7.36
C ALA A 118 -13.15 8.64 6.49
N TYR A 119 -12.03 8.99 7.09
CA TYR A 119 -10.92 9.65 6.37
C TYR A 119 -10.34 8.77 5.28
N VAL A 120 -10.18 7.52 5.63
CA VAL A 120 -9.70 6.54 4.66
C VAL A 120 -10.72 6.39 3.57
N SER A 121 -12.00 6.31 3.96
CA SER A 121 -13.05 6.14 2.97
C SER A 121 -13.05 7.28 1.93
N ALA A 122 -12.93 8.50 2.43
CA ALA A 122 -12.92 9.68 1.57
C ALA A 122 -11.67 9.70 0.67
N ALA A 123 -10.52 9.34 1.24
CA ALA A 123 -9.29 9.30 0.42
C ALA A 123 -9.42 8.28 -0.73
N LEU A 124 -10.09 7.15 -0.49
CA LEU A 124 -10.32 6.10 -1.51
C LEU A 124 -11.35 6.53 -2.54
N ARG A 125 -12.34 7.30 -2.10
CA ARG A 125 -13.28 7.91 -3.03
C ARG A 125 -12.53 8.86 -3.98
N ALA A 126 -11.60 9.63 -3.43
CA ALA A 126 -10.81 10.58 -4.22
C ALA A 126 -9.95 9.84 -5.28
N ALA A 127 -9.31 8.76 -4.84
CA ALA A 127 -8.58 7.85 -5.73
C ALA A 127 -9.49 7.33 -6.85
N ARG A 128 -10.70 6.90 -6.50
CA ARG A 128 -11.70 6.46 -7.51
C ARG A 128 -12.03 7.58 -8.51
N ALA A 129 -11.90 8.84 -8.08
CA ALA A 129 -12.23 9.97 -8.95
C ALA A 129 -11.01 10.57 -9.66
N GLY A 130 -9.92 9.80 -9.71
CA GLY A 130 -8.73 10.19 -10.46
C GLY A 130 -8.00 11.34 -9.83
N GLN A 131 -8.26 11.58 -8.55
CA GLN A 131 -7.70 12.77 -7.91
C GLN A 131 -6.40 12.52 -7.16
N VAL A 132 -6.18 11.26 -6.82
CA VAL A 132 -5.18 10.92 -5.84
C VAL A 132 -4.63 9.56 -6.35
N ASP A 133 -3.32 9.34 -6.26
CA ASP A 133 -2.68 8.14 -6.82
C ASP A 133 -2.51 7.06 -5.77
N ALA A 134 -2.33 7.51 -4.54
CA ALA A 134 -1.95 6.63 -3.45
C ALA A 134 -2.61 7.11 -2.20
N VAL A 135 -2.99 6.19 -1.33
CA VAL A 135 -3.59 6.53 -0.08
C VAL A 135 -2.70 5.91 1.00
N ILE A 136 -2.27 6.73 1.96
CA ILE A 136 -1.64 6.23 3.17
C ILE A 136 -2.46 6.42 4.41
N ALA A 137 -2.80 5.30 5.07
CA ALA A 137 -3.52 5.36 6.32
C ALA A 137 -2.57 5.58 7.48
N CYS A 138 -2.79 6.68 8.21
CA CYS A 138 -1.92 6.99 9.38
C CYS A 138 -2.30 6.15 10.60
N PRO A 139 -1.44 6.12 11.68
CA PRO A 139 -1.75 5.22 12.81
C PRO A 139 -3.16 5.35 13.37
N HIS A 140 -3.79 4.21 13.67
CA HIS A 140 -5.12 4.19 14.28
C HIS A 140 -5.17 3.52 15.67
N SER A 141 -6.37 3.33 16.20
CA SER A 141 -6.58 2.66 17.49
C SER A 141 -7.66 1.59 17.36
N GLU A 142 -7.21 0.34 17.56
CA GLU A 142 -7.99 -0.88 17.36
C GLU A 142 -9.10 -0.94 18.37
N THR A 143 -8.84 -0.35 19.52
CA THR A 143 -9.86 -0.35 20.57
C THR A 143 -11.00 0.66 20.25
N ALA A 144 -10.66 1.80 19.66
CA ALA A 144 -11.63 2.79 19.20
C ALA A 144 -12.45 2.30 18.02
N ILE A 145 -11.80 1.56 17.12
CA ILE A 145 -12.51 1.04 15.97
C ILE A 145 -13.51 -0.04 16.41
N ASN A 146 -13.10 -0.83 17.40
CA ASN A 146 -13.98 -1.80 18.06
C ASN A 146 -15.16 -1.06 18.66
N ALA A 147 -14.87 0.01 19.39
CA ALA A 147 -15.92 0.84 20.03
C ALA A 147 -17.00 1.34 19.05
N SER A 148 -16.65 1.52 17.78
CA SER A 148 -17.50 2.23 16.81
C SER A 148 -18.51 1.42 15.98
N GLY A 149 -18.22 0.14 15.70
CA GLY A 149 -19.09 -0.71 14.87
C GLY A 149 -18.99 -0.43 13.36
N ALA A 153 -11.73 -2.24 10.17
CA ALA A 153 -10.39 -1.80 10.53
C ALA A 153 -9.26 -2.36 9.63
N GLY A 154 -9.31 -3.68 9.33
CA GLY A 154 -8.25 -4.44 8.62
C GLY A 154 -8.14 -3.94 7.20
N TYR A 155 -7.10 -3.18 6.90
CA TYR A 155 -7.13 -2.35 5.70
C TYR A 155 -7.22 -3.04 4.34
N PRO A 156 -6.31 -3.94 4.03
CA PRO A 156 -6.32 -4.50 2.68
C PRO A 156 -7.73 -4.93 2.22
N GLY A 157 -8.50 -5.47 3.15
CA GLY A 157 -9.84 -5.87 2.87
C GLY A 157 -10.88 -4.74 3.00
N PHE A 158 -10.73 -3.88 4.01
CA PHE A 158 -11.52 -2.65 4.03
C PHE A 158 -11.37 -1.87 2.69
N VAL A 159 -10.12 -1.76 2.21
CA VAL A 159 -9.84 -1.17 0.91
C VAL A 159 -10.58 -1.93 -0.16
N ALA A 160 -10.48 -3.26 -0.12
CA ALA A 160 -11.16 -4.06 -1.14
C ALA A 160 -12.66 -3.71 -1.15
N HIS A 161 -13.30 -3.76 0.03
CA HIS A 161 -14.78 -3.50 0.18
C HIS A 161 -15.15 -2.16 -0.44
N GLU A 162 -14.52 -1.11 0.06
CA GLU A 162 -14.72 0.23 -0.46
C GLU A 162 -14.59 0.33 -1.98
N MET A 163 -13.58 -0.35 -2.53
CA MET A 163 -13.31 -0.33 -3.96
C MET A 163 -14.23 -1.25 -4.77
N GLY A 164 -15.11 -1.96 -4.12
CA GLY A 164 -16.09 -2.78 -4.85
C GLY A 164 -15.60 -4.15 -5.31
N MET A 165 -14.61 -4.71 -4.61
CA MET A 165 -14.07 -6.00 -5.02
C MET A 165 -13.75 -6.92 -3.83
N PRO A 166 -13.59 -8.24 -4.09
CA PRO A 166 -13.26 -9.13 -3.00
C PRO A 166 -11.79 -9.01 -2.63
N ALA A 167 -11.47 -9.49 -1.43
CA ALA A 167 -10.19 -9.28 -0.80
C ALA A 167 -9.10 -9.92 -1.65
N GLU A 168 -9.47 -11.04 -2.28
CA GLU A 168 -8.58 -11.85 -3.06
C GLU A 168 -8.08 -11.14 -4.33
N ASP A 169 -8.71 -10.04 -4.70
CA ASP A 169 -8.29 -9.27 -5.88
C ASP A 169 -7.33 -8.13 -5.59
N VAL A 170 -6.98 -7.95 -4.33
CA VAL A 170 -5.95 -6.97 -3.93
C VAL A 170 -4.69 -7.74 -3.55
N TYR A 171 -3.51 -7.22 -3.92
CA TYR A 171 -2.33 -8.06 -3.89
C TYR A 171 -1.30 -7.32 -3.06
N LEU A 172 -0.54 -8.07 -2.29
CA LEU A 172 0.45 -7.39 -1.44
C LEU A 172 1.73 -7.23 -2.26
N LEU A 173 2.26 -6.02 -2.29
CA LEU A 173 3.50 -5.74 -2.96
C LEU A 173 4.58 -5.45 -1.87
N LEU A 174 5.54 -6.35 -1.74
CA LEU A 174 6.43 -6.33 -0.55
C LEU A 174 7.78 -5.83 -1.13
N ILE A 175 8.40 -4.85 -0.44
CA ILE A 175 9.55 -4.18 -0.98
C ILE A 175 10.66 -4.10 0.07
N GLY A 176 11.88 -4.39 -0.36
CA GLY A 176 13.05 -4.13 0.48
C GLY A 176 14.28 -4.74 -0.13
N GLY A 177 15.43 -4.14 0.22
CA GLY A 177 16.72 -4.66 -0.19
C GLY A 177 16.88 -4.68 -1.69
N GLY A 178 16.23 -3.72 -2.36
CA GLY A 178 16.30 -3.65 -3.81
C GLY A 178 15.35 -4.64 -4.49
N LEU A 179 14.55 -5.39 -3.74
CA LEU A 179 13.54 -6.32 -4.37
C LEU A 179 12.11 -5.75 -4.28
N ARG A 180 11.29 -5.97 -5.33
CA ARG A 180 9.90 -5.62 -5.22
C ARG A 180 9.13 -6.85 -5.70
N ILE A 181 8.30 -7.43 -4.81
CA ILE A 181 7.52 -8.66 -5.16
C ILE A 181 5.98 -8.51 -4.87
N VAL A 182 5.16 -8.65 -5.91
CA VAL A 182 3.70 -8.69 -5.73
C VAL A 182 3.35 -10.15 -5.59
N HIS A 183 2.34 -10.47 -4.76
CA HIS A 183 2.05 -11.87 -4.43
C HIS A 183 0.65 -12.18 -5.04
N ALA A 184 0.58 -13.21 -5.92
CA ALA A 184 -0.73 -13.60 -6.54
C ALA A 184 -1.66 -14.27 -5.54
N THR A 185 -1.09 -14.74 -4.49
CA THR A 185 -1.81 -15.43 -3.47
C THR A 185 -1.03 -15.09 -2.19
N LEU A 186 -1.65 -15.17 -1.02
CA LEU A 186 -1.04 -14.73 0.22
C LEU A 186 -1.34 -15.61 1.45
N HIS A 187 -2.10 -15.14 2.38
CA HIS A 187 -2.25 -15.83 3.63
C HIS A 187 -3.24 -16.98 3.58
N GLU A 188 -2.78 -18.13 3.16
CA GLU A 188 -3.60 -19.32 3.25
C GLU A 188 -2.65 -20.47 3.14
N GLY A 189 -3.16 -21.68 3.37
CA GLY A 189 -2.36 -22.87 3.20
C GLY A 189 -1.80 -22.94 1.78
N ILE A 190 -0.55 -23.37 1.63
CA ILE A 190 0.05 -23.40 0.33
C ILE A 190 -0.74 -24.35 -0.58
N ALA A 191 -1.45 -25.54 -0.45
CA ALA A 191 -2.29 -26.51 -1.12
C ALA A 191 -3.59 -25.86 -1.62
N SER A 192 -3.99 -24.73 -0.82
CA SER A 192 -5.18 -23.85 -1.00
C SER A 192 -4.76 -22.73 -1.99
N ALA A 193 -3.61 -22.11 -1.71
CA ALA A 193 -3.15 -21.08 -2.68
C ALA A 193 -2.93 -21.62 -4.09
N LEU A 194 -2.25 -22.75 -4.19
CA LEU A 194 -2.03 -23.44 -5.46
C LEU A 194 -3.32 -23.70 -6.20
N ALA A 195 -4.35 -24.10 -5.46
CA ALA A 195 -5.66 -24.20 -6.02
C ALA A 195 -6.34 -22.88 -6.41
N ARG A 196 -6.08 -21.79 -5.73
CA ARG A 196 -6.71 -20.54 -6.03
C ARG A 196 -6.11 -19.95 -7.32
N LEU A 197 -4.85 -20.26 -7.57
CA LEU A 197 -4.14 -19.53 -8.62
C LEU A 197 -4.79 -19.78 -9.99
N ASP A 198 -4.91 -18.70 -10.79
CA ASP A 198 -5.38 -18.87 -12.13
C ASP A 198 -4.77 -17.73 -12.96
N GLN A 199 -5.03 -17.73 -14.27
CA GLN A 199 -4.42 -16.74 -15.13
C GLN A 199 -4.87 -15.38 -14.71
N ARG A 200 -6.14 -15.29 -14.28
CA ARG A 200 -6.66 -14.00 -13.90
C ARG A 200 -5.83 -13.29 -12.79
N HIS A 201 -5.60 -13.98 -11.69
CA HIS A 201 -4.81 -13.35 -10.59
C HIS A 201 -3.41 -12.99 -11.04
N VAL A 202 -2.75 -13.88 -11.77
CA VAL A 202 -1.36 -13.63 -12.15
C VAL A 202 -1.34 -12.44 -13.10
N GLU A 203 -2.23 -12.43 -14.11
CA GLU A 203 -2.31 -11.24 -14.95
C GLU A 203 -2.64 -9.94 -14.22
N ARG A 204 -3.63 -9.95 -13.33
CA ARG A 204 -4.02 -8.75 -12.58
C ARG A 204 -2.85 -8.32 -11.65
N ALA A 205 -2.17 -9.30 -10.99
CA ALA A 205 -1.01 -9.00 -10.07
C ALA A 205 0.09 -8.30 -10.91
N ALA A 206 0.41 -8.88 -12.07
CA ALA A 206 1.49 -8.28 -12.93
C ALA A 206 1.13 -6.90 -13.46
N ARG A 207 -0.10 -6.72 -13.99
CA ARG A 207 -0.51 -5.40 -14.50
C ARG A 207 -0.54 -4.33 -13.41
N ALA A 208 -1.04 -4.72 -12.23
CA ALA A 208 -1.12 -3.77 -11.10
C ALA A 208 0.31 -3.33 -10.70
N ALA A 209 1.24 -4.27 -10.71
CA ALA A 209 2.61 -3.98 -10.28
C ALA A 209 3.28 -3.05 -11.33
N VAL A 210 3.08 -3.35 -12.59
CA VAL A 210 3.64 -2.45 -13.67
C VAL A 210 3.12 -1.01 -13.54
N GLN A 211 1.80 -0.87 -13.45
CA GLN A 211 1.18 0.43 -13.26
C GLN A 211 1.72 1.12 -12.01
N ALA A 212 1.90 0.37 -10.91
CA ALA A 212 2.39 0.99 -9.65
C ALA A 212 3.77 1.55 -9.92
N LEU A 213 4.63 0.72 -10.49
CA LEU A 213 6.03 1.12 -10.77
C LEU A 213 6.12 2.31 -11.76
N GLN A 214 5.30 2.29 -12.79
CA GLN A 214 5.12 3.48 -13.68
C GLN A 214 4.76 4.75 -12.93
N LEU A 215 3.80 4.64 -12.01
CA LEU A 215 3.49 5.78 -11.11
C LEU A 215 4.73 6.19 -10.29
N MET A 216 5.51 5.19 -9.92
CA MET A 216 6.76 5.40 -9.11
C MET A 216 7.94 6.01 -9.88
N GLY A 217 7.79 6.12 -11.18
CA GLY A 217 8.80 6.69 -12.03
C GLY A 217 9.60 5.67 -12.85
N ILE A 218 9.20 4.40 -12.84
CA ILE A 218 9.79 3.38 -13.67
C ILE A 218 8.92 3.10 -14.89
N ALA A 219 9.43 3.79 -15.89
CA ALA A 219 8.83 3.93 -17.18
C ALA A 219 8.48 2.64 -17.82
N HIS A 220 9.46 1.76 -17.83
CA HIS A 220 9.37 0.49 -18.48
C HIS A 220 9.80 -0.63 -17.57
N PRO A 221 8.92 -1.05 -16.70
CA PRO A 221 9.37 -2.05 -15.71
C PRO A 221 9.47 -3.41 -16.32
N VAL A 222 10.61 -4.04 -16.08
CA VAL A 222 10.85 -5.41 -16.45
C VAL A 222 10.16 -6.34 -15.40
N VAL A 223 9.22 -7.19 -15.84
CA VAL A 223 8.49 -8.05 -14.87
C VAL A 223 9.07 -9.44 -14.89
N GLY A 224 9.23 -10.08 -13.72
CA GLY A 224 9.75 -11.42 -13.66
C GLY A 224 8.63 -12.30 -13.11
N LEU A 225 8.25 -13.36 -13.85
CA LEU A 225 7.19 -14.25 -13.29
C LEU A 225 7.85 -15.46 -12.67
N MET A 226 7.62 -15.75 -11.36
CA MET A 226 8.15 -16.93 -10.75
C MET A 226 7.34 -18.16 -11.21
N GLY A 227 8.05 -19.24 -11.45
CA GLY A 227 7.47 -20.57 -11.82
C GLY A 227 6.62 -21.08 -10.65
N ILE A 228 5.40 -21.57 -10.93
CA ILE A 228 4.61 -22.19 -9.82
C ILE A 228 5.34 -23.43 -9.30
N ASN A 229 5.71 -24.27 -10.22
CA ASN A 229 6.52 -25.45 -9.92
C ASN A 229 8.01 -25.11 -10.02
N PRO A 230 8.88 -25.92 -9.35
CA PRO A 230 10.33 -25.68 -9.50
C PRO A 230 10.66 -25.67 -10.95
N HIS A 231 11.65 -24.85 -11.32
CA HIS A 231 12.10 -24.72 -12.69
C HIS A 231 10.93 -24.35 -13.64
N ALA A 232 9.88 -23.68 -13.13
CA ALA A 232 8.64 -23.39 -13.88
C ALA A 232 8.11 -24.62 -14.63
N GLY A 233 8.29 -25.76 -13.96
CA GLY A 233 7.69 -27.05 -14.43
C GLY A 233 8.58 -27.87 -15.32
N GLU A 234 9.75 -27.33 -15.71
CA GLU A 234 10.79 -28.04 -16.51
C GLU A 234 10.12 -28.72 -17.76
N GLY A 235 9.51 -27.92 -18.63
CA GLY A 235 8.93 -28.45 -19.86
C GLY A 235 7.84 -29.47 -19.61
N GLY A 236 7.06 -29.29 -18.54
CA GLY A 236 5.98 -30.24 -18.21
C GLY A 236 6.37 -31.42 -17.32
N LEU A 237 7.66 -31.63 -17.14
CA LEU A 237 8.19 -32.73 -16.32
C LEU A 237 7.66 -32.69 -14.88
N PHE A 238 7.55 -31.48 -14.29
CA PHE A 238 7.09 -31.35 -12.89
C PHE A 238 5.59 -31.00 -12.81
N GLY A 239 4.91 -30.99 -13.94
CA GLY A 239 3.48 -30.79 -13.96
C GLY A 239 3.14 -29.70 -14.94
N ARG A 240 1.90 -29.28 -14.96
CA ARG A 240 1.48 -28.47 -16.07
C ARG A 240 0.93 -27.14 -15.59
N ASP A 241 1.13 -26.81 -14.28
CA ASP A 241 0.57 -25.55 -13.79
C ASP A 241 1.15 -24.32 -14.52
N ASP A 242 2.43 -24.31 -14.82
CA ASP A 242 3.01 -23.13 -15.51
C ASP A 242 2.50 -23.08 -16.97
N ILE A 243 2.38 -24.27 -17.55
CA ILE A 243 1.88 -24.34 -18.94
C ILE A 243 0.48 -23.73 -18.98
N ASP A 244 -0.35 -24.08 -17.97
CA ASP A 244 -1.73 -23.55 -17.85
C ASP A 244 -1.93 -22.09 -17.45
N ILE A 245 -1.00 -21.48 -16.71
CA ILE A 245 -1.34 -20.26 -16.00
C ILE A 245 -0.29 -19.20 -16.31
N THR A 246 0.96 -19.44 -15.91
CA THR A 246 1.96 -18.36 -16.02
C THR A 246 2.48 -18.21 -17.49
N GLU A 247 2.65 -19.32 -18.24
CA GLU A 247 3.11 -19.24 -19.67
C GLU A 247 2.15 -18.44 -20.55
N PRO A 248 0.83 -18.77 -20.52
CA PRO A 248 -0.14 -18.00 -21.31
C PRO A 248 -0.24 -16.53 -20.86
N VAL A 249 -0.08 -16.27 -19.55
CA VAL A 249 -0.16 -14.91 -19.08
C VAL A 249 1.07 -14.15 -19.59
N ALA A 250 2.20 -14.81 -19.57
CA ALA A 250 3.46 -14.19 -20.02
C ALA A 250 3.31 -13.76 -21.49
N ARG A 251 2.70 -14.64 -22.28
CA ARG A 251 2.62 -14.37 -23.72
C ARG A 251 1.70 -13.19 -23.93
N LYS A 252 0.65 -13.14 -23.12
CA LYS A 252 -0.38 -12.10 -23.27
C LYS A 252 0.11 -10.72 -22.91
N LEU A 253 0.85 -10.63 -21.80
CA LEU A 253 1.45 -9.41 -21.38
C LEU A 253 2.48 -8.86 -22.40
N ARG A 254 3.27 -9.76 -22.98
CA ARG A 254 4.30 -9.42 -23.98
C ARG A 254 3.64 -8.88 -25.23
N ASP A 255 2.53 -9.47 -25.61
CA ASP A 255 1.73 -8.96 -26.76
C ASP A 255 1.12 -7.58 -26.51
N ASP A 256 0.99 -7.19 -25.24
CA ASP A 256 0.45 -5.89 -24.90
C ASP A 256 1.65 -4.99 -24.66
N GLY A 257 2.84 -5.44 -25.05
CA GLY A 257 4.06 -4.65 -25.05
C GLY A 257 5.01 -4.81 -23.88
N MET A 258 4.53 -5.34 -22.74
CA MET A 258 5.39 -5.41 -21.56
C MET A 258 6.61 -6.30 -21.75
N THR A 259 7.72 -5.97 -21.09
CA THR A 259 8.82 -6.93 -21.14
C THR A 259 8.71 -7.87 -19.94
N VAL A 260 8.56 -9.15 -20.26
CA VAL A 260 8.28 -10.15 -19.22
C VAL A 260 9.31 -11.26 -19.26
N ILE A 261 10.03 -11.48 -18.12
CA ILE A 261 10.97 -12.59 -18.07
C ILE A 261 10.30 -13.76 -17.33
N GLY A 262 10.29 -14.93 -17.95
CA GLY A 262 9.72 -16.11 -17.29
C GLY A 262 8.45 -16.62 -17.94
N PRO A 263 7.76 -17.53 -17.26
CA PRO A 263 8.06 -18.02 -15.90
C PRO A 263 9.39 -18.80 -15.91
N GLN A 264 10.13 -18.67 -14.84
CA GLN A 264 11.40 -19.26 -14.66
C GLN A 264 11.46 -19.77 -13.21
N GLY A 265 12.28 -20.79 -12.92
CA GLY A 265 12.42 -21.23 -11.49
C GLY A 265 12.77 -20.02 -10.68
N ALA A 266 12.09 -19.85 -9.55
CA ALA A 266 12.16 -18.61 -8.77
C ALA A 266 13.57 -18.42 -8.27
N ASP A 267 14.27 -19.55 -7.97
CA ASP A 267 15.65 -19.52 -7.46
C ASP A 267 16.68 -18.95 -8.46
N LEU A 268 16.41 -19.13 -9.75
CA LEU A 268 17.21 -18.47 -10.85
C LEU A 268 16.77 -17.04 -11.12
N LEU A 269 15.47 -16.88 -11.22
CA LEU A 269 14.89 -15.60 -11.53
C LEU A 269 15.32 -14.47 -10.60
N LEU A 270 15.29 -14.72 -9.30
CA LEU A 270 15.54 -13.71 -8.31
C LEU A 270 16.98 -13.27 -8.27
N THR A 271 17.86 -14.06 -8.83
CA THR A 271 19.32 -13.77 -9.06
C THR A 271 19.49 -12.67 -10.17
N ASN A 272 18.40 -12.37 -10.90
CA ASN A 272 18.54 -11.41 -12.04
C ASN A 272 18.28 -9.95 -11.60
N PRO A 273 19.36 -9.11 -11.53
CA PRO A 273 19.16 -7.72 -11.15
C PRO A 273 18.43 -6.83 -12.18
N ASP A 274 18.26 -7.34 -13.40
CA ASP A 274 17.59 -6.60 -14.51
C ASP A 274 16.09 -6.52 -14.34
N ILE A 275 15.53 -7.41 -13.47
CA ILE A 275 14.10 -7.38 -13.19
C ILE A 275 13.71 -6.21 -12.27
N ASP A 276 12.65 -5.47 -12.60
CA ASP A 276 12.23 -4.34 -11.69
C ASP A 276 11.19 -4.80 -10.65
N VAL A 277 10.38 -5.79 -11.05
CA VAL A 277 9.39 -6.29 -10.05
C VAL A 277 9.11 -7.77 -10.38
N PHE A 278 8.80 -8.56 -9.34
CA PHE A 278 8.62 -10.01 -9.50
C PHE A 278 7.19 -10.31 -9.09
N VAL A 279 6.60 -11.32 -9.72
CA VAL A 279 5.28 -11.86 -9.27
C VAL A 279 5.56 -13.22 -8.63
N ALA A 280 5.38 -13.30 -7.30
CA ALA A 280 5.48 -14.53 -6.57
C ALA A 280 4.07 -15.23 -6.63
N MET A 281 4.06 -16.56 -6.58
CA MET A 281 2.84 -17.32 -6.85
C MET A 281 2.24 -17.70 -5.47
N TYR A 282 3.06 -17.65 -4.42
CA TYR A 282 2.53 -17.89 -3.06
C TYR A 282 3.36 -17.13 -2.01
N HIS A 283 2.82 -17.01 -0.79
CA HIS A 283 3.41 -16.18 0.32
C HIS A 283 4.95 -16.36 0.43
N ASP A 284 5.37 -17.65 0.73
CA ASP A 284 6.81 -17.90 1.03
C ASP A 284 7.68 -17.55 -0.16
N GLN A 285 7.17 -17.70 -1.39
CA GLN A 285 8.02 -17.51 -2.54
C GLN A 285 8.50 -16.11 -2.61
N GLY A 286 7.64 -15.15 -2.21
CA GLY A 286 8.10 -13.76 -2.19
C GLY A 286 8.56 -13.27 -0.83
N HIS A 287 8.01 -13.86 0.25
CA HIS A 287 8.49 -13.40 1.60
C HIS A 287 9.88 -13.86 1.96
N ILE A 288 10.22 -15.08 1.58
CA ILE A 288 11.63 -15.50 1.90
C ILE A 288 12.71 -14.50 1.33
N PRO A 289 12.62 -14.16 0.04
CA PRO A 289 13.80 -13.44 -0.49
C PRO A 289 13.82 -12.00 0.03
N VAL A 290 12.66 -11.34 0.16
CA VAL A 290 12.70 -9.95 0.66
C VAL A 290 13.19 -9.93 2.12
N LYS A 291 12.60 -10.77 2.95
CA LYS A 291 13.08 -10.79 4.33
C LYS A 291 14.53 -11.26 4.47
N LEU A 292 14.98 -12.22 3.64
CA LEU A 292 16.39 -12.66 3.73
C LEU A 292 17.33 -11.46 3.43
N ARG A 293 16.95 -10.71 2.44
CA ARG A 293 17.78 -9.58 2.02
C ARG A 293 17.71 -8.37 2.90
N ALA A 294 16.51 -8.03 3.35
CA ALA A 294 16.28 -6.71 3.88
C ALA A 294 15.93 -6.82 5.36
N GLY A 295 15.41 -7.99 5.79
CA GLY A 295 14.92 -8.19 7.17
C GLY A 295 13.79 -7.21 7.54
N ARG A 296 14.01 -6.48 8.63
CA ARG A 296 13.16 -5.38 9.03
C ARG A 296 13.17 -4.17 8.10
N HIS A 297 14.13 -4.00 7.20
CA HIS A 297 14.15 -2.81 6.32
C HIS A 297 13.32 -3.09 5.05
N SER A 298 12.06 -3.41 5.29
CA SER A 298 11.15 -3.74 4.22
C SER A 298 9.74 -3.28 4.65
N ALA A 299 8.80 -3.23 3.70
CA ALA A 299 7.53 -2.62 3.95
C ALA A 299 6.57 -3.07 2.82
N ALA A 300 5.32 -2.87 2.99
CA ALA A 300 4.31 -3.45 2.08
C ALA A 300 3.36 -2.36 1.62
N LEU A 301 2.88 -2.44 0.38
CA LEU A 301 1.66 -1.70 -0.02
C LEU A 301 0.68 -2.70 -0.67
N SER A 302 -0.57 -2.32 -0.79
CA SER A 302 -1.58 -3.15 -1.50
C SER A 302 -1.88 -2.50 -2.83
N ILE A 303 -1.91 -3.31 -3.90
CA ILE A 303 -2.21 -2.79 -5.21
C ILE A 303 -3.30 -3.69 -5.81
N GLY A 304 -3.91 -3.23 -6.89
CA GLY A 304 -4.86 -4.03 -7.63
C GLY A 304 -6.27 -3.47 -7.51
N ALA A 305 -6.49 -2.61 -6.52
CA ALA A 305 -7.80 -1.99 -6.29
C ALA A 305 -7.94 -0.64 -7.00
N GLY A 306 -6.97 -0.25 -7.84
CA GLY A 306 -6.99 1.05 -8.48
C GLY A 306 -6.55 2.14 -7.52
N VAL A 307 -5.75 1.77 -6.52
CA VAL A 307 -5.01 2.75 -5.75
C VAL A 307 -3.77 2.09 -5.10
N LEU A 308 -2.68 2.85 -4.96
CA LEU A 308 -1.53 2.37 -4.17
C LEU A 308 -1.86 2.64 -2.73
N PHE A 309 -1.98 1.61 -1.89
CA PHE A 309 -2.37 1.82 -0.51
C PHE A 309 -1.29 1.36 0.45
N SER A 310 -1.01 2.11 1.49
CA SER A 310 -0.27 1.51 2.59
C SER A 310 -0.68 2.05 3.95
N SER A 311 -0.35 1.33 5.00
CA SER A 311 -0.69 1.80 6.35
C SER A 311 0.57 2.08 7.13
N VAL A 312 0.53 3.01 8.06
CA VAL A 312 1.72 3.36 8.83
C VAL A 312 1.73 2.76 10.22
N GLY A 313 0.53 2.48 10.74
CA GLY A 313 0.33 2.31 12.18
C GLY A 313 1.09 1.23 12.93
N HIS A 314 1.79 1.65 13.99
CA HIS A 314 2.11 0.73 15.09
C HIS A 314 1.37 1.21 16.35
N GLY A 315 0.06 1.44 16.20
CA GLY A 315 -0.75 2.06 17.24
C GLY A 315 -0.66 3.59 17.32
N SER A 316 -1.70 4.19 17.89
CA SER A 316 -1.78 5.64 18.12
C SER A 316 -0.97 5.96 19.34
N GLY A 317 -0.09 6.96 19.24
CA GLY A 317 0.75 7.36 20.38
C GLY A 317 0.00 8.21 21.39
N PHE A 318 -1.00 7.61 22.04
CA PHE A 318 -1.95 8.32 22.91
C PHE A 318 -1.33 9.06 24.09
N ASP A 319 -0.27 8.49 24.64
CA ASP A 319 0.32 9.04 25.86
C ASP A 319 1.34 10.13 25.51
N ILE A 320 1.62 10.27 24.22
CA ILE A 320 2.46 11.36 23.72
C ILE A 320 1.69 12.31 22.76
N ALA A 321 0.37 12.11 22.65
CA ALA A 321 -0.47 12.85 21.69
C ALA A 321 -0.82 14.27 22.15
N GLY A 322 -0.59 15.26 21.30
CA GLY A 322 -0.64 16.63 21.73
C GLY A 322 0.73 17.26 21.87
N THR A 323 1.61 16.55 22.58
CA THR A 323 2.94 17.03 22.96
C THR A 323 3.88 17.40 21.83
N LEU A 324 3.54 17.03 20.58
CA LEU A 324 4.37 17.30 19.42
C LEU A 324 5.67 16.55 19.56
N LEU A 325 5.59 15.42 20.23
CA LEU A 325 6.74 14.62 20.44
C LEU A 325 6.93 13.55 19.36
N ALA A 326 5.85 13.21 18.65
CA ALA A 326 5.82 12.27 17.53
C ALA A 326 6.93 12.50 16.49
N ASP A 327 7.65 11.44 16.12
CA ASP A 327 8.49 11.59 14.94
C ASP A 327 7.77 11.09 13.68
N PRO A 328 7.88 11.88 12.62
CA PRO A 328 7.24 11.63 11.34
C PRO A 328 7.91 10.53 10.49
N ALA A 329 9.09 10.06 10.91
CA ALA A 329 9.95 9.11 10.16
C ALA A 329 9.23 7.90 9.51
N PRO A 330 8.46 7.12 10.30
CA PRO A 330 7.70 5.98 9.77
C PRO A 330 6.77 6.38 8.64
N LEU A 331 6.17 7.58 8.74
CA LEU A 331 5.29 8.09 7.73
C LEU A 331 6.05 8.57 6.48
N LEU A 332 7.14 9.32 6.68
CA LEU A 332 8.00 9.68 5.58
C LEU A 332 8.52 8.40 4.92
N GLY A 333 8.66 7.34 5.70
CA GLY A 333 9.01 6.00 5.17
C GLY A 333 7.95 5.52 4.19
N ALA A 334 6.69 5.56 4.62
CA ALA A 334 5.60 5.14 3.74
C ALA A 334 5.44 6.04 2.48
N ILE A 335 5.60 7.35 2.64
CA ILE A 335 5.61 8.22 1.45
C ILE A 335 6.66 7.81 0.45
N ARG A 336 7.90 7.63 0.94
CA ARG A 336 9.00 7.10 0.19
C ARG A 336 8.64 5.79 -0.46
N LEU A 337 7.99 4.89 0.30
CA LEU A 337 7.63 3.57 -0.29
C LEU A 337 6.68 3.71 -1.49
N VAL A 338 5.62 4.50 -1.35
CA VAL A 338 4.62 4.56 -2.39
C VAL A 338 5.08 5.39 -3.60
N THR A 339 6.04 6.29 -3.41
CA THR A 339 6.41 7.22 -4.54
C THR A 339 7.65 6.78 -5.28
N THR A 340 8.37 5.83 -4.70
CA THR A 340 9.69 5.46 -5.15
C THR A 340 9.83 3.93 -5.24
N GLY A 341 9.00 3.22 -4.48
CA GLY A 341 9.13 1.74 -4.43
C GLY A 341 10.47 1.26 -3.91
N THR A 342 10.99 1.99 -2.90
CA THR A 342 12.23 1.60 -2.20
C THR A 342 12.08 1.80 -0.66
N VAL A 343 12.94 1.13 0.10
CA VAL A 343 12.95 1.20 1.54
C VAL A 343 14.42 1.40 1.95
N LEU A 344 14.66 2.45 2.71
CA LEU A 344 16.07 2.81 3.03
C LEU A 344 16.71 1.83 4.02
N ALA A 345 17.96 1.44 3.77
CA ALA A 345 18.63 0.52 4.73
C ALA A 345 19.91 1.15 5.18
#